data_7TB5
#
_entry.id   7TB5
#
_cell.length_a   87.657
_cell.length_b   87.657
_cell.length_c   199.699
_cell.angle_alpha   90.000
_cell.angle_beta   90.000
_cell.angle_gamma   120.000
#
_symmetry.space_group_name_H-M   'P 61 2 2'
#
loop_
_entity.id
_entity.type
_entity.pdbx_description
1 polymer 'WYL domain-containing protein'
2 non-polymer 'SULFATE ION'
3 water water
#
_entity_poly.entity_id   1
_entity_poly.type   'polypeptide(L)'
_entity_poly.pdbx_seq_one_letter_code
;(MSE)TDESKPTDDQPTSKGRQGARWGQERRLEFIDYRLRWDGQINRSSLTDFFGISVPQASLDITEYAKLAESNLEYDT
RARVYRATESFKAVFPSSAVERYLDDLLRVAVQPEIPYGSFLGWQSPVAAVPKLGRRLNADIVGVILRAIRETGFIEVFY
QSLTDPEGGER(MSE)LSPHALVHDGNRWHVRAYCHKRKAFRDFSLTRIKCCKYVGQDRDRADEDYAWNT(MSE)VNVVL
TPHPGLTPAQRKLIENDFL(MSE)EGGE(MSE)HVECRRALLLYLLFQLNLNEDQADQRPEVIQLALKNRDEIKDLIQY
;
_entity_poly.pdbx_strand_id   A
#
loop_
_chem_comp.id
_chem_comp.type
_chem_comp.name
_chem_comp.formula
SO4 non-polymer 'SULFATE ION' 'O4 S -2'
#
# COMPACT_ATOMS: atom_id res chain seq x y z
N GLY A 16 10.89 -28.20 7.53
CA GLY A 16 10.20 -29.27 8.22
C GLY A 16 9.16 -28.76 9.20
N ARG A 17 9.42 -28.93 10.50
CA ARG A 17 8.53 -28.37 11.51
C ARG A 17 8.52 -26.84 11.47
N GLN A 18 9.70 -26.23 11.30
CA GLN A 18 9.79 -24.77 11.16
C GLN A 18 9.02 -24.31 9.92
N GLY A 19 9.18 -25.02 8.80
CA GLY A 19 8.41 -24.69 7.60
C GLY A 19 6.91 -24.85 7.80
N ALA A 20 6.51 -25.79 8.65
CA ALA A 20 5.09 -26.01 8.92
C ALA A 20 4.52 -24.95 9.84
N ARG A 21 5.26 -24.58 10.88
CA ARG A 21 4.82 -23.50 11.76
C ARG A 21 4.82 -22.16 11.05
N TRP A 22 5.76 -21.95 10.12
CA TRP A 22 5.75 -20.73 9.32
C TRP A 22 4.55 -20.71 8.40
N GLY A 23 4.26 -21.83 7.74
CA GLY A 23 3.10 -21.87 6.87
C GLY A 23 1.81 -21.70 7.63
N GLN A 24 1.71 -22.34 8.80
CA GLN A 24 0.49 -22.21 9.58
C GLN A 24 0.31 -20.79 10.08
N GLU A 25 1.40 -20.09 10.40
CA GLU A 25 1.28 -18.73 10.90
C GLU A 25 0.66 -17.81 9.83
N ARG A 26 1.01 -18.00 8.56
CA ARG A 26 0.36 -17.23 7.51
C ARG A 26 -1.13 -17.54 7.45
N ARG A 27 -1.54 -18.78 7.73
CA ARG A 27 -2.97 -19.09 7.70
C ARG A 27 -3.69 -18.44 8.88
N LEU A 28 -3.01 -18.35 10.02
CA LEU A 28 -3.60 -17.61 11.14
C LEU A 28 -3.74 -16.13 10.81
N GLU A 29 -2.79 -15.57 10.07
CA GLU A 29 -2.90 -14.18 9.62
C GLU A 29 -4.04 -14.00 8.60
N PHE A 30 -4.24 -14.98 7.71
CA PHE A 30 -5.42 -15.01 6.84
C PHE A 30 -6.72 -14.99 7.66
N ILE A 31 -6.82 -15.87 8.66
CA ILE A 31 -8.01 -15.85 9.51
C ILE A 31 -8.19 -14.45 10.08
N ASP A 32 -7.14 -13.94 10.75
CA ASP A 32 -7.19 -12.63 11.41
C ASP A 32 -7.53 -11.53 10.42
N TYR A 33 -6.94 -11.58 9.22
CA TYR A 33 -7.31 -10.62 8.19
C TYR A 33 -8.79 -10.72 7.81
N ARG A 34 -9.29 -11.95 7.54
CA ARG A 34 -10.68 -12.07 7.07
C ARG A 34 -11.65 -11.56 8.11
N LEU A 35 -11.39 -11.87 9.39
CA LEU A 35 -12.27 -11.40 10.45
C LEU A 35 -12.27 -9.89 10.52
N ARG A 36 -11.09 -9.29 10.36
CA ARG A 36 -10.97 -7.83 10.42
C ARG A 36 -11.74 -7.17 9.29
N TRP A 37 -11.55 -7.64 8.06
CA TRP A 37 -12.08 -6.95 6.89
C TRP A 37 -13.42 -7.49 6.41
N ASP A 38 -13.65 -8.81 6.45
CA ASP A 38 -14.89 -9.37 5.96
C ASP A 38 -15.85 -9.70 7.07
N GLY A 39 -15.40 -9.73 8.32
CA GLY A 39 -16.24 -10.03 9.45
C GLY A 39 -16.49 -11.50 9.69
N GLN A 40 -15.97 -12.38 8.83
CA GLN A 40 -16.24 -13.80 8.96
C GLN A 40 -15.22 -14.59 8.17
N ILE A 41 -15.13 -15.88 8.48
CA ILE A 41 -14.37 -16.80 7.64
C ILE A 41 -15.04 -18.19 7.65
N ASN A 42 -15.07 -18.80 6.48
CA ASN A 42 -15.54 -20.17 6.27
C ASN A 42 -14.35 -21.13 6.36
N ARG A 43 -14.57 -22.32 6.93
CA ARG A 43 -13.51 -23.32 6.93
C ARG A 43 -13.07 -23.65 5.50
N SER A 44 -13.99 -23.65 4.54
CA SER A 44 -13.63 -23.94 3.15
C SER A 44 -12.86 -22.80 2.49
N SER A 45 -12.87 -21.61 3.09
CA SER A 45 -11.98 -20.56 2.61
C SER A 45 -10.52 -20.95 2.81
N LEU A 46 -10.19 -21.53 3.95
CA LEU A 46 -8.83 -21.95 4.20
C LEU A 46 -8.42 -23.07 3.25
N THR A 47 -9.32 -24.05 3.05
CA THR A 47 -8.98 -25.18 2.18
C THR A 47 -8.87 -24.71 0.73
N ASP A 48 -9.77 -23.83 0.31
CA ASP A 48 -9.70 -23.35 -1.07
C ASP A 48 -8.41 -22.58 -1.31
N PHE A 49 -8.10 -21.66 -0.40
CA PHE A 49 -7.03 -20.70 -0.61
C PHE A 49 -5.66 -21.35 -0.47
N PHE A 50 -5.49 -22.24 0.51
CA PHE A 50 -4.18 -22.82 0.83
C PHE A 50 -4.02 -24.26 0.39
N GLY A 51 -5.09 -24.91 -0.05
CA GLY A 51 -5.00 -26.29 -0.46
C GLY A 51 -4.76 -27.27 0.66
N ILE A 52 -5.24 -26.97 1.87
CA ILE A 52 -5.04 -27.83 3.01
C ILE A 52 -6.27 -28.70 3.19
N SER A 53 -6.12 -29.74 4.00
CA SER A 53 -7.23 -30.63 4.26
C SER A 53 -8.22 -29.97 5.20
N VAL A 54 -9.46 -30.48 5.18
CA VAL A 54 -10.46 -30.01 6.12
C VAL A 54 -9.99 -30.19 7.56
N PRO A 55 -9.44 -31.35 7.95
CA PRO A 55 -8.87 -31.46 9.32
C PRO A 55 -7.85 -30.39 9.64
N GLN A 56 -6.95 -30.10 8.72
CA GLN A 56 -5.94 -29.08 9.00
C GLN A 56 -6.59 -27.72 9.20
N ALA A 57 -7.58 -27.39 8.39
CA ALA A 57 -8.28 -26.14 8.56
C ALA A 57 -8.95 -26.08 9.93
N SER A 58 -9.39 -27.23 10.43
CA SER A 58 -9.96 -27.27 11.78
C SER A 58 -8.89 -27.04 12.82
N LEU A 59 -7.69 -27.57 12.58
CA LEU A 59 -6.58 -27.31 13.49
C LEU A 59 -6.17 -25.85 13.46
N ASP A 60 -6.20 -25.23 12.28
CA ASP A 60 -5.82 -23.83 12.19
C ASP A 60 -6.79 -22.95 12.95
N ILE A 61 -8.09 -23.18 12.76
CA ILE A 61 -9.09 -22.37 13.47
C ILE A 61 -8.93 -22.53 14.97
N THR A 62 -8.71 -23.76 15.44
CA THR A 62 -8.48 -23.98 16.86
C THR A 62 -7.23 -23.26 17.36
N GLU A 63 -6.17 -23.24 16.53
CA GLU A 63 -4.96 -22.52 16.92
C GLU A 63 -5.20 -21.01 16.99
N TYR A 64 -5.99 -20.47 16.06
CA TYR A 64 -6.31 -19.05 16.14
C TYR A 64 -7.06 -18.73 17.42
N ALA A 65 -7.97 -19.61 17.83
CA ALA A 65 -8.75 -19.37 19.05
C ALA A 65 -7.88 -19.34 20.29
N LYS A 66 -6.77 -20.09 20.30
CA LYS A 66 -5.86 -20.08 21.45
C LYS A 66 -5.20 -18.72 21.62
N LEU A 67 -4.99 -18.00 20.52
CA LEU A 67 -4.40 -16.67 20.60
C LEU A 67 -5.41 -15.64 21.09
N ALA A 68 -6.68 -15.77 20.67
CA ALA A 68 -7.74 -14.82 21.04
C ALA A 68 -9.06 -15.59 21.12
N GLU A 69 -9.40 -16.03 22.32
CA GLU A 69 -10.51 -16.97 22.47
C GLU A 69 -11.85 -16.34 22.12
N SER A 70 -11.98 -15.02 22.24
CA SER A 70 -13.24 -14.34 21.97
C SER A 70 -13.20 -13.49 20.70
N ASN A 71 -12.19 -13.66 19.86
CA ASN A 71 -12.15 -12.89 18.63
C ASN A 71 -13.22 -13.38 17.65
N LEU A 72 -13.60 -14.65 17.74
CA LEU A 72 -14.53 -15.23 16.77
C LEU A 72 -15.53 -16.12 17.48
N GLU A 73 -16.56 -16.52 16.72
CA GLU A 73 -17.60 -17.38 17.26
C GLU A 73 -18.27 -18.11 16.10
N TYR A 74 -18.49 -19.41 16.26
CA TYR A 74 -19.07 -20.22 15.20
C TYR A 74 -20.58 -20.04 15.14
N ASP A 75 -21.10 -19.82 13.94
CA ASP A 75 -22.53 -19.68 13.69
C ASP A 75 -23.03 -20.96 13.04
N THR A 76 -23.79 -21.75 13.79
CA THR A 76 -24.12 -23.08 13.34
C THR A 76 -25.04 -23.05 12.12
N ARG A 77 -25.97 -22.09 12.07
CA ARG A 77 -26.87 -22.04 10.91
C ARG A 77 -26.10 -21.69 9.65
N ALA A 78 -25.27 -20.65 9.69
CA ALA A 78 -24.56 -20.20 8.50
C ALA A 78 -23.30 -20.99 8.22
N ARG A 79 -22.77 -21.69 9.22
CA ARG A 79 -21.55 -22.49 9.08
C ARG A 79 -20.35 -21.62 8.76
N VAL A 80 -20.27 -20.46 9.42
CA VAL A 80 -19.10 -19.59 9.35
C VAL A 80 -18.71 -19.15 10.76
N TYR A 81 -17.44 -18.79 10.90
CA TYR A 81 -16.95 -18.13 12.11
C TYR A 81 -17.04 -16.63 11.90
N ARG A 82 -17.72 -15.94 12.81
CA ARG A 82 -17.93 -14.51 12.72
C ARG A 82 -17.08 -13.76 13.75
N ALA A 83 -16.69 -12.53 13.40
CA ALA A 83 -15.98 -11.69 14.35
C ALA A 83 -16.94 -11.25 15.45
N THR A 84 -16.53 -11.41 16.70
CA THR A 84 -17.34 -11.02 17.83
C THR A 84 -17.31 -9.51 18.01
N GLU A 85 -18.17 -9.02 18.91
CA GLU A 85 -18.17 -7.59 19.21
C GLU A 85 -16.84 -7.13 19.77
N SER A 86 -16.12 -8.01 20.46
CA SER A 86 -14.86 -7.66 21.10
C SER A 86 -13.66 -7.90 20.21
N PHE A 87 -13.88 -8.13 18.92
CA PHE A 87 -12.75 -8.48 18.05
C PHE A 87 -11.70 -7.38 18.05
N LYS A 88 -10.46 -7.73 18.39
CA LYS A 88 -9.29 -6.89 18.17
C LYS A 88 -8.25 -7.75 17.45
N ALA A 89 -7.84 -7.31 16.26
CA ALA A 89 -6.93 -8.11 15.46
C ALA A 89 -5.73 -8.55 16.28
N VAL A 90 -5.27 -9.77 15.98
CA VAL A 90 -4.14 -10.38 16.66
C VAL A 90 -2.81 -9.98 16.02
N PHE A 91 -2.80 -9.74 14.73
CA PHE A 91 -1.57 -9.45 14.02
C PHE A 91 -1.60 -8.04 13.43
N PRO A 92 -0.48 -7.33 13.52
CA PRO A 92 -0.42 -5.98 12.92
C PRO A 92 -0.68 -6.00 11.43
N SER A 93 -0.36 -7.11 10.76
CA SER A 93 -0.57 -7.22 9.32
C SER A 93 -2.03 -7.10 8.95
N SER A 94 -2.94 -7.43 9.85
CA SER A 94 -4.36 -7.35 9.53
C SER A 94 -4.80 -5.93 9.28
N ALA A 95 -3.97 -4.95 9.65
CA ALA A 95 -4.41 -3.57 9.49
C ALA A 95 -4.24 -3.06 8.07
N VAL A 96 -3.38 -3.68 7.26
CA VAL A 96 -3.15 -3.21 5.90
C VAL A 96 -4.06 -3.98 4.94
N GLU A 97 -4.92 -3.22 4.27
CA GLU A 97 -5.89 -3.80 3.36
C GLU A 97 -5.25 -4.72 2.34
N ARG A 98 -4.11 -4.33 1.80
CA ARG A 98 -3.45 -5.08 0.74
C ARG A 98 -2.65 -6.25 1.29
N TYR A 99 -2.77 -6.58 2.56
CA TYR A 99 -2.02 -7.73 3.05
C TYR A 99 -2.49 -9.04 2.40
N LEU A 100 -3.76 -9.11 1.98
CA LEU A 100 -4.23 -10.30 1.28
C LEU A 100 -3.43 -10.52 0.00
N ASP A 101 -3.12 -9.43 -0.71
CA ASP A 101 -2.28 -9.55 -1.90
C ASP A 101 -0.94 -10.18 -1.57
N ASP A 102 -0.41 -9.87 -0.37
CA ASP A 102 0.89 -10.42 0.01
C ASP A 102 0.77 -11.89 0.37
N LEU A 103 -0.27 -12.24 1.12
CA LEU A 103 -0.50 -13.66 1.41
C LEU A 103 -0.68 -14.46 0.13
N LEU A 104 -1.43 -13.93 -0.82
CA LEU A 104 -1.57 -14.56 -2.12
C LEU A 104 -0.21 -14.73 -2.82
N ARG A 105 0.64 -13.73 -2.75
CA ARG A 105 1.91 -13.77 -3.44
C ARG A 105 2.93 -14.70 -2.79
N VAL A 106 2.82 -14.95 -1.49
CA VAL A 106 3.80 -15.78 -0.80
C VAL A 106 3.37 -17.24 -0.74
N ALA A 107 2.10 -17.54 -0.49
CA ALA A 107 1.66 -18.94 -0.50
C ALA A 107 0.90 -19.30 -1.79
N PRO A 123 0.86 -21.52 -9.77
CA PRO A 123 -0.50 -21.00 -9.56
C PRO A 123 -0.58 -19.47 -9.74
N VAL A 124 0.39 -18.76 -9.14
CA VAL A 124 0.49 -17.31 -9.21
C VAL A 124 1.66 -16.96 -10.10
N ALA A 125 1.47 -15.95 -10.96
CA ALA A 125 2.52 -15.44 -11.83
C ALA A 125 2.53 -13.92 -11.75
N ALA A 126 3.59 -13.32 -12.30
CA ALA A 126 3.80 -11.89 -12.19
C ALA A 126 4.18 -11.32 -13.55
N VAL A 127 3.73 -10.10 -13.79
CA VAL A 127 4.27 -9.36 -14.95
C VAL A 127 5.69 -8.90 -14.61
N PRO A 128 6.62 -8.91 -15.56
CA PRO A 128 7.96 -8.34 -15.28
C PRO A 128 7.87 -6.90 -14.82
N LYS A 129 8.47 -6.62 -13.67
CA LYS A 129 8.61 -5.25 -13.17
C LYS A 129 9.82 -4.60 -13.84
N LEU A 130 9.59 -3.51 -14.57
CA LEU A 130 10.70 -2.79 -15.19
C LEU A 130 11.40 -1.87 -14.19
N GLY A 131 10.70 -1.43 -13.14
CA GLY A 131 11.22 -0.39 -12.28
C GLY A 131 12.33 -0.88 -11.37
N ARG A 132 13.07 0.08 -10.84
CA ARG A 132 14.21 -0.24 -9.99
C ARG A 132 13.76 -0.74 -8.63
N ARG A 133 14.63 -1.51 -8.00
CA ARG A 133 14.29 -2.16 -6.75
C ARG A 133 14.52 -1.21 -5.58
N LEU A 134 13.62 -1.27 -4.60
CA LEU A 134 13.74 -0.45 -3.41
C LEU A 134 15.01 -0.79 -2.65
N ASN A 135 15.72 0.25 -2.21
CA ASN A 135 17.01 0.10 -1.53
C ASN A 135 16.77 0.09 -0.02
N ALA A 136 16.95 -1.05 0.62
CA ALA A 136 16.68 -1.16 2.05
C ALA A 136 17.60 -0.30 2.91
N ASP A 137 18.85 -0.07 2.49
CA ASP A 137 19.72 0.83 3.25
C ASP A 137 19.18 2.25 3.30
N ILE A 138 18.80 2.79 2.13
CA ILE A 138 18.24 4.15 2.07
C ILE A 138 16.93 4.23 2.84
N VAL A 139 16.07 3.22 2.71
CA VAL A 139 14.82 3.23 3.47
C VAL A 139 15.09 3.24 4.96
N GLY A 140 16.03 2.42 5.43
CA GLY A 140 16.35 2.41 6.84
C GLY A 140 16.85 3.75 7.38
N VAL A 141 17.77 4.41 6.65
CA VAL A 141 18.25 5.72 7.11
C VAL A 141 17.08 6.70 7.20
N ILE A 142 16.16 6.65 6.25
CA ILE A 142 15.04 7.58 6.25
C ILE A 142 14.10 7.29 7.41
N LEU A 143 13.83 6.00 7.67
CA LEU A 143 13.01 5.65 8.82
C LEU A 143 13.65 6.12 10.12
N ARG A 144 14.95 5.86 10.29
CA ARG A 144 15.64 6.40 11.45
C ARG A 144 15.46 7.91 11.59
N ALA A 145 15.70 8.63 10.50
CA ALA A 145 15.58 10.08 10.55
C ALA A 145 14.16 10.52 10.87
N ILE A 146 13.15 9.82 10.38
CA ILE A 146 11.78 10.18 10.74
C ILE A 146 11.55 9.93 12.23
N ARG A 147 11.93 8.74 12.70
CA ARG A 147 11.75 8.38 14.10
C ARG A 147 12.43 9.38 15.04
N GLU A 148 13.66 9.76 14.72
CA GLU A 148 14.48 10.62 15.57
C GLU A 148 14.46 12.09 15.17
N THR A 149 13.61 12.46 14.22
CA THR A 149 13.54 13.84 13.74
C THR A 149 14.93 14.34 13.33
N GLY A 150 15.58 13.56 12.50
CA GLY A 150 16.95 13.81 12.13
C GLY A 150 17.12 14.58 10.82
N PHE A 151 18.32 15.15 10.68
CA PHE A 151 18.81 15.69 9.43
C PHE A 151 19.32 14.54 8.56
N ILE A 152 19.02 14.57 7.27
CA ILE A 152 19.67 13.65 6.35
C ILE A 152 20.22 14.41 5.15
N GLU A 153 21.32 13.89 4.60
CA GLU A 153 22.02 14.45 3.45
C GLU A 153 21.90 13.42 2.34
N VAL A 154 21.23 13.79 1.26
CA VAL A 154 20.95 12.88 0.15
C VAL A 154 21.55 13.43 -1.14
N PHE A 155 21.80 12.52 -2.08
CA PHE A 155 22.04 12.88 -3.48
C PHE A 155 20.79 12.50 -4.26
N TYR A 156 20.03 13.51 -4.68
CA TYR A 156 18.79 13.33 -5.42
C TYR A 156 19.09 13.54 -6.89
N GLN A 157 18.64 12.63 -7.73
CA GLN A 157 18.94 12.68 -9.16
C GLN A 157 17.70 12.25 -9.92
N SER A 158 17.21 13.12 -10.80
CA SER A 158 15.95 12.96 -11.50
C SER A 158 16.16 13.26 -12.97
N LEU A 159 15.19 12.82 -13.79
CA LEU A 159 15.23 13.10 -15.21
C LEU A 159 14.92 14.57 -15.49
N THR A 160 14.20 15.24 -14.59
CA THR A 160 13.99 16.69 -14.71
C THR A 160 15.28 17.49 -14.52
N ASP A 161 16.19 17.07 -13.63
CA ASP A 161 17.52 17.67 -13.50
C ASP A 161 18.57 16.57 -13.49
N PRO A 162 19.12 16.22 -14.67
CA PRO A 162 19.98 15.03 -14.75
C PRO A 162 21.24 15.12 -13.90
N GLU A 163 21.86 16.30 -13.82
CA GLU A 163 23.08 16.43 -13.04
C GLU A 163 22.88 16.04 -11.59
N GLY A 164 21.66 16.16 -11.08
CA GLY A 164 21.40 15.89 -9.68
C GLY A 164 22.13 16.86 -8.79
N GLY A 165 22.00 16.67 -7.49
CA GLY A 165 22.66 17.54 -6.55
C GLY A 165 22.45 17.02 -5.13
N GLU A 166 23.37 17.35 -4.23
CA GLU A 166 23.20 17.05 -2.83
C GLU A 166 22.10 17.93 -2.25
N ARG A 167 21.43 17.41 -1.23
CA ARG A 167 20.29 18.09 -0.65
C ARG A 167 20.27 17.79 0.85
N MSE A 168 19.79 18.76 1.61
CA MSE A 168 19.71 18.65 3.05
C MSE A 168 18.24 18.60 3.42
O MSE A 168 17.53 19.57 3.18
CB MSE A 168 20.37 19.83 3.73
CG MSE A 168 20.65 19.57 5.20
SE MSE A 168 22.02 18.20 5.47
CE MSE A 168 21.20 17.37 6.90
H MSE A 168 19.51 19.52 1.31
HA MSE A 168 20.17 17.85 3.36
HB2 MSE A 168 21.21 20.02 3.30
HB3 MSE A 168 19.79 20.61 3.67
HG2 MSE A 168 20.95 20.40 5.61
HG3 MSE A 168 19.82 19.27 5.63
HE1 MSE A 168 21.34 16.41 6.84
HE2 MSE A 168 21.57 17.71 7.73
HE3 MSE A 168 20.25 17.57 6.87
N LEU A 169 17.80 17.49 4.04
CA LEU A 169 16.39 17.26 4.28
C LEU A 169 16.12 16.85 5.73
N SER A 170 14.98 17.26 6.23
CA SER A 170 14.42 16.73 7.48
C SER A 170 13.09 16.06 7.16
N PRO A 171 13.03 14.75 7.05
CA PRO A 171 11.80 14.07 6.70
C PRO A 171 10.91 13.78 7.89
N HIS A 172 9.61 13.70 7.61
CA HIS A 172 8.64 13.31 8.63
C HIS A 172 7.59 12.29 8.19
N ALA A 173 7.62 11.81 6.95
CA ALA A 173 6.74 10.73 6.56
C ALA A 173 7.28 10.00 5.33
N LEU A 174 7.07 8.68 5.34
CA LEU A 174 7.36 7.79 4.22
C LEU A 174 6.04 7.34 3.63
N VAL A 175 5.83 7.64 2.35
CA VAL A 175 4.49 7.51 1.77
C VAL A 175 4.46 6.42 0.69
N HIS A 176 3.46 5.54 0.80
CA HIS A 176 3.20 4.49 -0.18
C HIS A 176 2.15 4.99 -1.16
N ASP A 177 2.47 4.95 -2.44
CA ASP A 177 1.53 5.28 -3.51
C ASP A 177 1.40 4.07 -4.45
N GLY A 178 0.61 3.09 -4.04
CA GLY A 178 0.54 1.83 -4.76
C GLY A 178 1.90 1.21 -4.89
N ASN A 179 2.49 1.19 -6.09
CA ASN A 179 3.85 0.67 -6.24
C ASN A 179 4.92 1.62 -5.70
N ARG A 180 4.74 2.93 -5.87
CA ARG A 180 5.82 3.89 -5.64
C ARG A 180 5.84 4.40 -4.20
N TRP A 181 7.06 4.63 -3.71
CA TRP A 181 7.33 5.26 -2.43
C TRP A 181 7.92 6.64 -2.63
N HIS A 182 7.59 7.56 -1.74
CA HIS A 182 8.28 8.83 -1.69
C HIS A 182 8.32 9.30 -0.25
N VAL A 183 9.31 10.13 0.05
CA VAL A 183 9.51 10.67 1.39
C VAL A 183 9.04 12.12 1.38
N ARG A 184 8.20 12.48 2.38
CA ARG A 184 7.81 13.86 2.63
C ARG A 184 8.81 14.50 3.59
N ALA A 185 9.48 15.57 3.14
CA ALA A 185 10.58 16.10 3.92
C ALA A 185 10.69 17.62 3.81
N TYR A 186 11.27 18.23 4.82
CA TYR A 186 11.58 19.66 4.76
C TYR A 186 12.89 19.85 4.02
N CYS A 187 12.85 20.65 2.95
CA CYS A 187 14.03 21.07 2.20
C CYS A 187 14.54 22.37 2.81
N HIS A 188 15.82 22.42 3.16
CA HIS A 188 16.31 23.54 3.97
C HIS A 188 16.84 24.70 3.13
N LYS A 189 17.55 24.40 2.04
CA LYS A 189 18.00 25.47 1.15
C LYS A 189 16.80 26.15 0.50
N ARG A 190 15.74 25.38 0.24
CA ARG A 190 14.54 25.86 -0.44
C ARG A 190 13.49 26.36 0.53
N LYS A 191 13.52 25.91 1.79
CA LYS A 191 12.61 26.36 2.82
C LYS A 191 11.16 26.02 2.48
N ALA A 192 10.90 24.74 2.25
CA ALA A 192 9.56 24.26 1.94
C ALA A 192 9.55 22.76 2.11
N PHE A 193 8.34 22.23 2.36
CA PHE A 193 8.13 20.79 2.46
C PHE A 193 7.87 20.23 1.06
N ARG A 194 8.59 19.16 0.71
CA ARG A 194 8.46 18.57 -0.63
C ARG A 194 8.47 17.06 -0.52
N ASP A 195 8.18 16.42 -1.67
CA ASP A 195 8.19 14.97 -1.83
C ASP A 195 9.40 14.55 -2.65
N PHE A 196 9.99 13.42 -2.30
CA PHE A 196 11.17 12.91 -3.00
C PHE A 196 10.97 11.42 -3.25
N SER A 197 10.95 11.04 -4.53
CA SER A 197 10.79 9.65 -4.92
C SER A 197 11.97 8.83 -4.41
N LEU A 198 11.66 7.69 -3.80
CA LEU A 198 12.73 6.89 -3.19
C LEU A 198 13.74 6.36 -4.20
N THR A 199 13.33 6.02 -5.42
CA THR A 199 14.29 5.47 -6.38
C THR A 199 15.18 6.54 -7.01
N ARG A 200 14.84 7.82 -6.85
CA ARG A 200 15.68 8.91 -7.30
C ARG A 200 16.68 9.36 -6.23
N ILE A 201 16.59 8.81 -5.02
CA ILE A 201 17.56 9.05 -3.95
C ILE A 201 18.68 8.04 -4.13
N LYS A 202 19.85 8.51 -4.54
CA LYS A 202 20.98 7.61 -4.80
C LYS A 202 21.90 7.43 -3.59
N CYS A 203 21.91 8.36 -2.64
CA CYS A 203 22.76 8.28 -1.47
C CYS A 203 21.96 8.92 -0.36
N CYS A 204 22.06 8.37 0.85
CA CYS A 204 21.30 8.88 1.98
C CYS A 204 22.12 8.64 3.23
N LYS A 205 22.46 9.72 3.94
CA LYS A 205 23.26 9.64 5.15
C LYS A 205 22.60 10.44 6.26
N TYR A 206 22.47 9.84 7.43
CA TYR A 206 22.02 10.55 8.63
C TYR A 206 23.16 11.36 9.21
N VAL A 207 22.94 12.66 9.41
CA VAL A 207 24.04 13.54 9.78
C VAL A 207 23.79 14.36 11.04
N GLY A 208 22.56 14.53 11.51
CA GLY A 208 22.36 15.32 12.71
C GLY A 208 20.97 15.12 13.29
N GLN A 209 20.73 15.80 14.41
CA GLN A 209 19.45 15.82 15.10
C GLN A 209 18.78 17.16 14.84
N ASP A 210 17.48 17.15 14.58
CA ASP A 210 16.76 18.39 14.24
C ASP A 210 15.61 18.61 15.24
N ARG A 211 14.93 19.75 15.08
CA ARG A 211 13.67 19.98 15.76
C ARG A 211 12.52 19.39 14.95
N ASP A 212 11.41 19.09 15.65
CA ASP A 212 10.23 18.56 14.99
C ASP A 212 9.53 19.66 14.21
N ARG A 213 9.28 19.41 12.93
CA ARG A 213 8.67 20.39 12.06
C ARG A 213 7.31 19.98 11.54
N ALA A 214 6.83 18.77 11.90
CA ALA A 214 5.64 18.21 11.28
C ALA A 214 4.45 19.17 11.34
N ASP A 215 4.34 19.94 12.42
CA ASP A 215 3.20 20.85 12.58
C ASP A 215 3.30 22.09 11.70
N GLU A 216 4.40 22.27 10.97
CA GLU A 216 4.51 23.39 10.05
C GLU A 216 4.21 22.99 8.60
N ASP A 217 3.97 21.70 8.35
CA ASP A 217 3.66 21.20 7.00
C ASP A 217 2.16 21.24 6.81
N TYR A 218 1.66 22.42 6.43
CA TYR A 218 0.22 22.64 6.42
C TYR A 218 -0.45 21.76 5.36
N ALA A 219 0.17 21.63 4.18
CA ALA A 219 -0.42 20.78 3.15
C ALA A 219 -0.57 19.36 3.66
N TRP A 220 0.43 18.85 4.37
CA TRP A 220 0.34 17.49 4.88
C TRP A 220 -0.79 17.33 5.88
N ASN A 221 -1.09 18.37 6.64
CA ASN A 221 -2.05 18.29 7.74
C ASN A 221 -3.43 18.74 7.34
N THR A 222 -3.58 19.47 6.24
CA THR A 222 -4.87 19.94 5.78
C THR A 222 -5.62 18.79 5.10
N MSE A 223 -6.78 18.44 5.65
CA MSE A 223 -7.61 17.38 5.06
C MSE A 223 -8.54 17.98 4.02
O MSE A 223 -9.18 19.01 4.24
CB MSE A 223 -8.44 16.66 6.13
CG MSE A 223 -7.58 15.92 7.16
SE MSE A 223 -6.43 14.51 6.38
CE MSE A 223 -7.80 13.11 6.17
H MSE A 223 -7.11 18.79 6.36
HA MSE A 223 -7.04 16.72 4.66
HB2 MSE A 223 -8.97 17.31 6.61
HB3 MSE A 223 -9.01 16.00 5.70
HG2 MSE A 223 -6.99 16.56 7.60
HG3 MSE A 223 -8.16 15.50 7.81
HE1 MSE A 223 -7.57 12.54 5.42
HE2 MSE A 223 -7.85 12.59 6.99
HE3 MSE A 223 -8.66 13.53 6.01
N VAL A 224 -8.59 17.33 2.85
CA VAL A 224 -9.44 17.77 1.75
C VAL A 224 -10.49 16.70 1.50
N ASN A 225 -11.75 17.12 1.37
CA ASN A 225 -12.84 16.20 1.04
C ASN A 225 -13.00 16.20 -0.47
N VAL A 226 -12.56 15.10 -1.09
CA VAL A 226 -12.62 14.95 -2.53
C VAL A 226 -13.92 14.26 -2.91
N VAL A 227 -14.72 14.90 -3.75
CA VAL A 227 -15.98 14.35 -4.23
C VAL A 227 -15.77 13.82 -5.64
N LEU A 228 -16.08 12.54 -5.84
CA LEU A 228 -16.00 11.89 -7.14
C LEU A 228 -17.39 11.51 -7.61
N THR A 229 -17.64 11.64 -8.91
CA THR A 229 -18.86 11.21 -9.56
C THR A 229 -18.51 10.29 -10.73
N PRO A 230 -19.51 9.62 -11.32
CA PRO A 230 -19.22 8.86 -12.55
C PRO A 230 -18.86 9.81 -13.69
N HIS A 231 -17.87 9.41 -14.48
CA HIS A 231 -17.43 10.24 -15.59
C HIS A 231 -18.63 10.69 -16.43
N PRO A 232 -18.77 11.98 -16.71
CA PRO A 232 -19.78 12.40 -17.68
C PRO A 232 -19.56 11.70 -19.01
N GLY A 233 -20.67 11.36 -19.68
CA GLY A 233 -20.64 10.69 -20.96
C GLY A 233 -20.96 9.22 -20.91
N LEU A 234 -20.82 8.59 -19.75
CA LEU A 234 -21.13 7.18 -19.61
C LEU A 234 -22.59 6.94 -19.91
N THR A 235 -22.88 5.80 -20.56
CA THR A 235 -24.26 5.42 -20.81
C THR A 235 -24.96 5.19 -19.47
N PRO A 236 -26.29 5.24 -19.46
CA PRO A 236 -27.01 4.95 -18.20
C PRO A 236 -26.60 3.65 -17.54
N ALA A 237 -26.35 2.60 -18.34
CA ALA A 237 -26.02 1.31 -17.76
C ALA A 237 -24.67 1.36 -17.05
N GLN A 238 -23.63 1.81 -17.76
CA GLN A 238 -22.32 1.89 -17.11
C GLN A 238 -22.27 2.98 -16.05
N ARG A 239 -23.14 3.98 -16.12
CA ARG A 239 -23.24 4.93 -15.01
C ARG A 239 -23.77 4.27 -13.76
N LYS A 240 -24.78 3.40 -13.89
CA LYS A 240 -25.32 2.71 -12.72
C LYS A 240 -24.38 1.60 -12.25
N LEU A 241 -23.70 0.93 -13.16
CA LEU A 241 -22.71 -0.06 -12.74
C LEU A 241 -21.64 0.57 -11.84
N ILE A 242 -21.06 1.68 -12.29
CA ILE A 242 -19.95 2.25 -11.54
C ILE A 242 -20.42 2.78 -10.18
N GLU A 243 -21.63 3.33 -10.12
CA GLU A 243 -22.14 3.82 -8.83
C GLU A 243 -22.46 2.66 -7.90
N ASN A 244 -22.84 1.49 -8.44
CA ASN A 244 -23.01 0.30 -7.61
C ASN A 244 -21.64 -0.26 -7.17
N ASP A 245 -20.65 -0.20 -8.07
CA ASP A 245 -19.35 -0.79 -7.76
C ASP A 245 -18.60 -0.02 -6.69
N PHE A 246 -18.81 1.30 -6.61
CA PHE A 246 -18.12 2.15 -5.65
C PHE A 246 -19.06 2.67 -4.59
N LEU A 247 -20.23 2.03 -4.44
CA LEU A 247 -21.11 2.26 -3.30
C LEU A 247 -21.44 3.74 -3.13
N MSE A 248 -21.82 4.37 -4.23
CA MSE A 248 -22.14 5.78 -4.20
C MSE A 248 -23.55 6.03 -3.72
O MSE A 248 -24.45 5.22 -3.97
CB MSE A 248 -21.95 6.40 -5.58
CG MSE A 248 -20.62 6.07 -6.22
SE MSE A 248 -20.34 7.10 -7.86
CE MSE A 248 -18.45 6.57 -8.11
H MSE A 248 -21.92 4.00 -4.99
HA MSE A 248 -21.53 6.22 -3.58
HB2 MSE A 248 -22.66 6.08 -6.16
HB3 MSE A 248 -22.01 7.37 -5.50
HG2 MSE A 248 -19.90 6.27 -5.60
HG3 MSE A 248 -20.60 5.12 -6.44
HE1 MSE A 248 -18.09 7.05 -8.86
HE2 MSE A 248 -17.95 6.80 -7.30
HE3 MSE A 248 -18.41 5.61 -8.25
N GLU A 249 -23.75 7.14 -3.02
CA GLU A 249 -25.06 7.62 -2.62
C GLU A 249 -25.38 8.86 -3.46
N GLY A 250 -26.48 8.80 -4.21
CA GLY A 250 -26.85 9.94 -5.03
C GLY A 250 -25.85 10.28 -6.10
N GLY A 251 -25.17 9.28 -6.67
CA GLY A 251 -24.20 9.52 -7.72
C GLY A 251 -22.96 10.22 -7.26
N GLU A 252 -22.55 10.02 -6.01
CA GLU A 252 -21.39 10.70 -5.45
C GLU A 252 -20.64 9.78 -4.52
N MSE A 253 -19.37 10.10 -4.32
CA MSE A 253 -18.46 9.30 -3.51
C MSE A 253 -17.54 10.30 -2.82
O MSE A 253 -17.19 11.32 -3.43
CB MSE A 253 -17.70 8.34 -4.38
CG MSE A 253 -16.67 7.52 -3.69
SE MSE A 253 -15.66 6.71 -5.14
CE MSE A 253 -14.44 5.57 -4.08
H MSE A 253 -19.00 10.79 -4.66
HA MSE A 253 -18.92 8.75 -2.85
HB2 MSE A 253 -18.33 7.72 -4.78
HB3 MSE A 253 -17.25 8.84 -5.06
HG2 MSE A 253 -16.10 8.08 -3.14
HG3 MSE A 253 -17.08 6.84 -3.13
HE1 MSE A 253 -13.84 5.10 -4.69
HE2 MSE A 253 -13.92 6.14 -3.49
HE3 MSE A 253 -14.96 4.94 -3.56
N HIS A 254 -17.18 10.04 -1.56
CA HIS A 254 -16.38 10.96 -0.76
C HIS A 254 -15.12 10.27 -0.26
N VAL A 255 -13.99 10.93 -0.43
CA VAL A 255 -12.71 10.40 0.04
C VAL A 255 -11.92 11.55 0.65
N GLU A 256 -11.42 11.34 1.87
CA GLU A 256 -10.58 12.32 2.55
C GLU A 256 -9.14 12.17 2.10
N CYS A 257 -8.55 13.27 1.63
CA CYS A 257 -7.16 13.28 1.22
C CYS A 257 -6.44 14.47 1.87
N ARG A 258 -5.19 14.26 2.26
CA ARG A 258 -4.35 15.39 2.66
C ARG A 258 -4.01 16.19 1.39
N ARG A 259 -3.90 17.51 1.54
CA ARG A 259 -3.62 18.36 0.38
C ARG A 259 -2.36 17.92 -0.34
N ALA A 260 -1.33 17.55 0.43
CA ALA A 260 -0.05 17.14 -0.13
C ALA A 260 -0.09 15.79 -0.80
N LEU A 261 -1.25 15.12 -0.79
CA LEU A 261 -1.41 13.83 -1.45
C LEU A 261 -2.43 13.88 -2.58
N LEU A 262 -3.07 15.02 -2.82
CA LEU A 262 -4.05 15.14 -3.89
C LEU A 262 -3.46 14.74 -5.21
N LEU A 263 -2.26 15.24 -5.51
CA LEU A 263 -1.61 14.92 -6.76
C LEU A 263 -1.53 13.42 -7.00
N TYR A 264 -1.24 12.66 -5.95
CA TYR A 264 -1.09 11.21 -6.11
C TYR A 264 -2.44 10.52 -6.27
N LEU A 265 -3.49 11.05 -5.65
CA LEU A 265 -4.82 10.53 -5.87
C LEU A 265 -5.27 10.77 -7.31
N LEU A 266 -4.97 11.95 -7.86
CA LEU A 266 -5.39 12.26 -9.22
C LEU A 266 -4.69 11.38 -10.24
N PHE A 267 -3.50 10.86 -9.91
CA PHE A 267 -2.82 9.97 -10.84
C PHE A 267 -3.66 8.73 -11.10
N GLN A 268 -4.36 8.23 -10.07
CA GLN A 268 -5.19 7.04 -10.24
C GLN A 268 -6.31 7.29 -11.24
N LEU A 269 -6.88 8.49 -11.23
CA LEU A 269 -7.86 8.89 -12.23
C LEU A 269 -7.25 9.27 -13.58
N ASN A 270 -5.93 9.21 -13.70
CA ASN A 270 -5.19 9.55 -14.92
C ASN A 270 -5.47 10.99 -15.33
N LEU A 271 -5.46 11.89 -14.34
CA LEU A 271 -5.75 13.30 -14.63
C LEU A 271 -4.48 14.06 -15.01
N ASN A 272 -3.33 13.72 -14.44
CA ASN A 272 -2.09 14.39 -14.78
C ASN A 272 -1.07 13.42 -15.34
N GLU A 273 -0.08 13.98 -16.04
CA GLU A 273 0.91 13.18 -16.75
C GLU A 273 1.95 14.16 -17.30
N ALA A 276 3.86 15.33 -13.55
CA ALA A 276 4.46 14.55 -14.63
C ALA A 276 5.83 14.05 -14.15
N ASP A 277 6.58 14.94 -13.52
CA ASP A 277 7.92 14.63 -13.02
C ASP A 277 7.91 13.50 -12.01
N GLN A 278 6.84 13.36 -11.23
CA GLN A 278 6.78 12.43 -10.11
C GLN A 278 6.29 11.04 -10.50
N ARG A 279 6.15 10.76 -11.78
CA ARG A 279 5.82 9.41 -12.23
C ARG A 279 7.10 8.62 -12.46
N PRO A 280 7.01 7.30 -12.66
CA PRO A 280 8.23 6.48 -12.71
C PRO A 280 9.11 6.84 -13.90
N GLU A 281 10.42 6.61 -13.73
CA GLU A 281 11.36 6.78 -14.83
C GLU A 281 11.13 5.77 -15.94
N VAL A 282 10.45 4.65 -15.64
CA VAL A 282 10.14 3.63 -16.63
C VAL A 282 9.36 4.21 -17.79
N ILE A 283 8.50 5.19 -17.54
CA ILE A 283 7.75 5.83 -18.61
C ILE A 283 8.65 6.43 -19.68
N GLN A 284 9.91 6.70 -19.34
CA GLN A 284 10.84 7.37 -20.23
C GLN A 284 11.69 6.39 -21.03
N LEU A 285 11.28 5.13 -21.07
CA LEU A 285 11.87 4.17 -21.99
C LEU A 285 11.07 4.13 -23.28
N ALA A 286 11.56 3.35 -24.24
CA ALA A 286 10.85 3.15 -25.48
C ALA A 286 11.20 1.79 -26.05
N LEU A 287 10.26 1.21 -26.79
CA LEU A 287 10.49 -0.07 -27.42
C LEU A 287 11.36 0.08 -28.65
N LYS A 288 12.43 -0.71 -28.72
CA LYS A 288 13.25 -0.73 -29.93
C LYS A 288 12.39 -1.07 -31.13
N ASN A 289 11.56 -2.11 -31.00
CA ASN A 289 10.74 -2.60 -32.10
C ASN A 289 9.27 -2.47 -31.70
N ARG A 290 8.71 -1.27 -31.87
CA ARG A 290 7.31 -1.07 -31.53
C ARG A 290 6.38 -1.76 -32.54
N ASP A 291 6.83 -1.91 -33.78
CA ASP A 291 6.00 -2.59 -34.78
C ASP A 291 5.90 -4.09 -34.49
N GLU A 292 7.03 -4.72 -34.18
CA GLU A 292 7.04 -6.18 -34.00
C GLU A 292 6.36 -6.59 -32.71
N ILE A 293 6.52 -5.81 -31.63
CA ILE A 293 5.89 -6.20 -30.38
C ILE A 293 4.39 -5.92 -30.41
N LYS A 294 3.95 -4.96 -31.24
CA LYS A 294 2.52 -4.69 -31.33
C LYS A 294 1.80 -5.85 -32.03
N ASP A 295 2.43 -6.42 -33.06
CA ASP A 295 1.84 -7.57 -33.74
C ASP A 295 1.57 -8.70 -32.76
N LEU A 296 2.45 -8.90 -31.80
CA LEU A 296 2.35 -10.03 -30.89
C LEU A 296 1.25 -9.88 -29.85
N ILE A 297 0.64 -8.71 -29.72
CA ILE A 297 -0.44 -8.52 -28.77
C ILE A 297 -1.73 -9.12 -29.33
N GLN A 298 -2.47 -9.83 -28.46
CA GLN A 298 -3.76 -10.43 -28.86
C GLN A 298 -4.74 -10.32 -27.69
S SO4 B . 14.21 27.63 9.13
O1 SO4 B . 14.20 26.50 8.20
O2 SO4 B . 12.94 27.67 9.85
O3 SO4 B . 15.28 27.44 10.09
O4 SO4 B . 14.40 28.85 8.38
S SO4 C . 11.54 3.83 -11.31
O1 SO4 C . 10.80 3.44 -10.10
O2 SO4 C . 10.69 3.70 -12.50
O3 SO4 C . 12.72 2.95 -11.46
O4 SO4 C . 11.95 5.24 -11.15
#